data_2Z77
#
_entry.id   2Z77
#
_cell.length_a   55.906
_cell.length_b   66.428
_cell.length_c   80.303
_cell.angle_alpha   90.00
_cell.angle_beta   105.95
_cell.angle_gamma   90.00
#
_symmetry.space_group_name_H-M   'P 1 21 1'
#
loop_
_entity.id
_entity.type
_entity.pdbx_description
1 polymer 'Putative steroid isomerase'
2 non-polymer '4-{[(14beta,17alpha)-3-hydroxyestra-1,3,5(10)-trien-17-yl]oxy}-4-oxobutanoic acid'
3 non-polymer 'ACETATE ION'
4 non-polymer NICOTINAMIDE
5 water water
#
_entity_poly.entity_id   1
_entity_poly.type   'polypeptide(L)'
_entity_poly.pdbx_seq_one_letter_code
;MTQTTQSPALIASQSSWRCVQAHDREGWLALMADDVVIEDPIGKSVTNPDGSGIKGKEAVGAFFDTHIAANRLTVTCEET
FPSSSPDEIAHILVLHSEFDGGFTSEVRGVFTYRVNKAGLITNMRGYWNLDMMTFGNQE
;
_entity_poly.pdbx_strand_id   A,B,C,D
#
loop_
_chem_comp.id
_chem_comp.type
_chem_comp.name
_chem_comp.formula
ACT non-polymer 'ACETATE ION' 'C2 H3 O2 -1'
HE7 non-polymer '4-{[(14beta,17alpha)-3-hydroxyestra-1,3,5(10)-trien-17-yl]oxy}-4-oxobutanoic acid' 'C22 H28 O5'
NCA non-polymer NICOTINAMIDE 'C6 H6 N2 O'
#
# COMPACT_ATOMS: atom_id res chain seq x y z
N GLN A 6 1.59 -0.40 8.74
CA GLN A 6 2.54 -1.56 8.84
C GLN A 6 1.82 -2.88 8.65
N SER A 7 2.35 -3.71 7.76
CA SER A 7 1.64 -4.98 7.46
C SER A 7 1.86 -5.95 8.60
N PRO A 8 0.98 -6.94 8.70
CA PRO A 8 1.22 -7.98 9.62
C PRO A 8 2.56 -8.66 9.44
N ALA A 9 3.01 -8.88 8.18
CA ALA A 9 4.32 -9.53 7.93
C ALA A 9 5.46 -8.70 8.43
N LEU A 10 5.37 -7.38 8.25
CA LEU A 10 6.36 -6.45 8.78
C LEU A 10 6.38 -6.35 10.33
N ILE A 11 5.21 -6.25 10.95
CA ILE A 11 5.14 -6.18 12.46
C ILE A 11 5.84 -7.42 13.04
N ALA A 12 5.42 -8.59 12.55
CA ALA A 12 5.96 -9.90 12.90
C ALA A 12 7.46 -10.08 12.74
N SER A 13 7.98 -9.71 11.57
CA SER A 13 9.41 -9.84 11.33
C SER A 13 10.23 -8.87 12.19
N GLN A 14 9.83 -7.60 12.22
CA GLN A 14 10.42 -6.62 13.10
C GLN A 14 10.32 -7.00 14.60
N SER A 15 9.19 -7.60 15.02
CA SER A 15 9.02 -8.06 16.42
C SER A 15 9.96 -9.18 16.76
N SER A 16 10.16 -10.07 15.77
CA SER A 16 11.10 -11.18 15.92
C SER A 16 12.57 -10.73 16.11
N TRP A 17 12.98 -9.58 15.55
CA TRP A 17 14.36 -9.06 15.77
C TRP A 17 14.47 -8.37 17.15
N ARG A 18 13.43 -7.66 17.56
CA ARG A 18 13.43 -7.05 18.87
C ARG A 18 13.48 -8.11 19.99
N CYS A 19 12.64 -9.15 19.89
CA CYS A 19 12.68 -10.26 20.84
C CYS A 19 14.00 -10.99 20.93
N VAL A 20 14.74 -11.16 19.83
CA VAL A 20 16.09 -11.70 20.04
C VAL A 20 17.06 -10.63 20.55
N GLN A 21 16.76 -9.35 20.30
CA GLN A 21 17.64 -8.29 20.80
C GLN A 21 17.53 -8.28 22.32
N ALA A 22 16.28 -8.37 22.75
CA ALA A 22 15.82 -8.44 24.10
C ALA A 22 16.08 -9.78 24.82
N HIS A 23 16.62 -10.79 24.12
CA HIS A 23 16.66 -12.18 24.59
C HIS A 23 15.38 -12.53 25.37
N ASP A 24 14.25 -12.29 24.71
CA ASP A 24 12.90 -12.44 25.22
C ASP A 24 12.23 -13.65 24.61
N ARG A 25 12.36 -14.80 25.26
CA ARG A 25 11.89 -16.07 24.72
C ARG A 25 10.37 -16.20 24.61
N GLU A 26 9.64 -15.78 25.64
CA GLU A 26 8.18 -15.83 25.60
C GLU A 26 7.62 -14.86 24.52
N GLY A 27 8.19 -13.68 24.36
CA GLY A 27 7.69 -12.76 23.32
C GLY A 27 7.98 -13.29 21.90
N TRP A 28 9.13 -13.94 21.75
CA TRP A 28 9.50 -14.52 20.47
C TRP A 28 8.54 -15.63 20.05
N LEU A 29 8.30 -16.57 20.96
CA LEU A 29 7.36 -17.64 20.74
C LEU A 29 5.92 -17.18 20.55
N ALA A 30 5.51 -16.10 21.23
CA ALA A 30 4.17 -15.53 21.00
C ALA A 30 3.91 -15.15 19.53
N LEU A 31 5.00 -14.87 18.80
CA LEU A 31 4.96 -14.47 17.36
C LEU A 31 4.72 -15.62 16.39
N MET A 32 4.93 -16.84 16.87
CA MET A 32 4.95 -18.06 16.07
C MET A 32 3.61 -18.78 15.98
N ALA A 33 3.26 -19.30 14.79
CA ALA A 33 2.11 -20.16 14.60
C ALA A 33 2.46 -21.53 15.12
N ASP A 34 1.44 -22.29 15.49
CA ASP A 34 1.66 -23.68 15.94
C ASP A 34 2.31 -24.53 14.88
N ASP A 35 2.14 -24.17 13.61
CA ASP A 35 2.78 -24.90 12.52
C ASP A 35 4.03 -24.21 11.93
N VAL A 36 4.59 -23.25 12.66
CA VAL A 36 5.82 -22.58 12.24
C VAL A 36 6.89 -23.56 11.74
N VAL A 37 7.51 -23.23 10.62
CA VAL A 37 8.74 -23.94 10.20
C VAL A 37 9.82 -22.86 10.04
N ILE A 38 10.97 -23.06 10.66
CA ILE A 38 12.07 -22.15 10.51
C ILE A 38 13.19 -22.89 9.80
N GLU A 39 13.56 -22.31 8.68
CA GLU A 39 14.64 -22.83 7.85
C GLU A 39 15.78 -21.81 7.81
N ASP A 40 16.69 -21.96 8.75
CA ASP A 40 17.73 -20.97 8.94
C ASP A 40 19.02 -21.72 8.98
N PRO A 41 19.64 -22.00 7.82
CA PRO A 41 19.21 -21.66 6.50
C PRO A 41 18.31 -22.73 5.88
N ILE A 42 17.82 -22.42 4.67
CA ILE A 42 17.14 -23.41 3.85
C ILE A 42 18.21 -24.41 3.47
N GLY A 43 17.89 -25.69 3.61
CA GLY A 43 18.82 -26.77 3.26
C GLY A 43 19.61 -27.30 4.45
N LYS A 44 20.17 -28.50 4.27
CA LYS A 44 21.06 -29.12 5.30
C LYS A 44 22.19 -28.23 5.81
N SER A 45 22.13 -27.87 7.08
CA SER A 45 23.18 -27.13 7.73
C SER A 45 23.15 -27.38 9.24
N VAL A 46 24.18 -26.91 9.92
CA VAL A 46 24.26 -27.03 11.36
C VAL A 46 22.96 -26.64 12.07
N THR A 47 22.34 -25.54 11.63
CA THR A 47 21.11 -25.02 12.25
C THR A 47 19.83 -25.57 11.61
N ASN A 48 20.03 -26.51 10.69
CA ASN A 48 18.96 -27.22 9.97
C ASN A 48 19.48 -28.61 9.60
N PRO A 49 19.67 -29.52 10.60
CA PRO A 49 20.36 -30.80 10.35
C PRO A 49 19.77 -31.72 9.29
N ASP A 50 18.45 -31.89 9.27
CA ASP A 50 17.85 -32.74 8.21
C ASP A 50 17.44 -32.00 6.88
N GLY A 51 17.69 -30.70 6.82
CA GLY A 51 17.40 -29.94 5.59
C GLY A 51 15.95 -29.53 5.51
N SER A 52 15.18 -29.95 6.49
CA SER A 52 13.74 -29.85 6.42
C SER A 52 13.16 -28.72 7.26
N GLY A 53 14.01 -28.02 8.01
CA GLY A 53 13.55 -26.98 8.90
C GLY A 53 13.32 -27.40 10.34
N ILE A 54 13.21 -26.42 11.22
CA ILE A 54 12.76 -26.59 12.60
C ILE A 54 11.25 -26.38 12.69
N LYS A 55 10.47 -27.42 13.05
CA LYS A 55 8.98 -27.40 12.98
C LYS A 55 8.24 -27.39 14.34
N GLY A 56 7.39 -26.38 14.55
CA GLY A 56 6.59 -26.29 15.75
C GLY A 56 7.28 -25.53 16.85
N LYS A 57 6.45 -25.01 17.75
CA LYS A 57 6.91 -24.07 18.76
C LYS A 57 7.88 -24.63 19.80
N GLU A 58 7.70 -25.88 20.19
CA GLU A 58 8.67 -26.52 21.06
C GLU A 58 10.07 -26.54 20.46
N ALA A 59 10.16 -27.05 19.23
CA ALA A 59 11.44 -27.18 18.54
C ALA A 59 12.06 -25.83 18.31
N VAL A 60 11.25 -24.89 17.84
CA VAL A 60 11.65 -23.50 17.63
C VAL A 60 12.06 -22.80 18.97
N GLY A 61 11.42 -23.19 20.08
CA GLY A 61 11.88 -22.73 21.39
C GLY A 61 13.27 -23.24 21.69
N ALA A 62 13.50 -24.53 21.45
CA ALA A 62 14.85 -25.08 21.57
C ALA A 62 15.87 -24.29 20.76
N PHE A 63 15.52 -24.02 19.50
CA PHE A 63 16.32 -23.22 18.58
C PHE A 63 16.66 -21.86 19.19
N PHE A 64 15.64 -21.15 19.71
CA PHE A 64 15.85 -19.90 20.39
C PHE A 64 16.82 -20.10 21.55
N ASP A 65 16.58 -21.12 22.39
CA ASP A 65 17.37 -21.36 23.62
C ASP A 65 18.85 -21.59 23.31
N THR A 66 19.11 -22.47 22.33
CA THR A 66 20.45 -22.79 21.81
C THR A 66 21.20 -21.63 21.17
N HIS A 67 20.51 -20.85 20.36
CA HIS A 67 21.06 -19.65 19.75
C HIS A 67 21.48 -18.47 20.63
N ILE A 68 20.71 -18.19 21.67
CA ILE A 68 20.99 -17.04 22.56
C ILE A 68 21.97 -17.35 23.72
N ALA A 69 22.38 -18.61 23.80
CA ALA A 69 23.28 -19.12 24.82
C ALA A 69 24.77 -18.94 24.50
N ALA A 70 25.50 -18.39 25.48
CA ALA A 70 26.96 -18.35 25.48
C ALA A 70 27.53 -17.61 24.24
N ASN A 71 26.85 -16.53 23.88
CA ASN A 71 27.20 -15.67 22.75
C ASN A 71 26.28 -14.43 22.68
N ARG A 72 26.86 -13.34 22.19
CA ARG A 72 26.14 -12.10 21.92
C ARG A 72 25.53 -12.08 20.49
N LEU A 73 24.19 -12.17 20.36
CA LEU A 73 23.49 -12.41 19.06
C LEU A 73 22.68 -11.27 18.41
N THR A 74 23.38 -10.20 17.98
CA THR A 74 22.91 -9.24 16.97
C THR A 74 22.12 -9.80 15.73
N VAL A 75 20.98 -9.19 15.43
CA VAL A 75 20.36 -9.32 14.11
C VAL A 75 20.02 -7.93 13.62
N THR A 76 20.73 -7.47 12.59
CA THR A 76 20.49 -6.13 12.03
C THR A 76 19.71 -6.20 10.70
N CYS A 77 18.68 -5.40 10.55
CA CYS A 77 17.98 -5.32 9.27
C CYS A 77 18.65 -4.27 8.38
N GLU A 78 19.36 -4.73 7.34
CA GLU A 78 20.00 -3.82 6.38
C GLU A 78 18.98 -3.23 5.44
N GLU A 79 18.03 -4.04 4.99
CA GLU A 79 17.09 -3.55 3.99
C GLU A 79 15.84 -4.42 3.97
N THR A 80 14.71 -3.78 3.72
CA THR A 80 13.40 -4.42 3.70
C THR A 80 12.81 -4.41 2.29
N PHE A 81 12.23 -5.55 1.89
CA PHE A 81 11.55 -5.69 0.61
C PHE A 81 10.16 -6.23 0.79
N PRO A 82 9.20 -5.31 0.90
CA PRO A 82 7.78 -5.64 0.95
C PRO A 82 7.39 -6.31 -0.34
N SER A 83 6.39 -7.18 -0.33
CA SER A 83 5.81 -7.64 -1.58
C SER A 83 4.51 -6.87 -1.77
N SER A 84 3.55 -7.48 -2.43
CA SER A 84 2.22 -6.95 -2.69
C SER A 84 1.18 -7.68 -1.90
N SER A 85 1.66 -8.60 -1.03
CA SER A 85 0.87 -9.29 -0.02
C SER A 85 1.22 -8.70 1.35
N PRO A 86 0.22 -8.38 2.18
CA PRO A 86 0.59 -7.89 3.53
C PRO A 86 1.12 -9.03 4.44
N ASP A 87 1.02 -10.27 3.96
CA ASP A 87 1.42 -11.47 4.70
C ASP A 87 2.83 -12.04 4.38
N GLU A 88 3.56 -11.40 3.44
CA GLU A 88 4.84 -11.94 3.05
C GLU A 88 5.80 -10.85 2.81
N ILE A 89 7.02 -11.08 3.22
CA ILE A 89 8.02 -10.00 3.21
C ILE A 89 9.42 -10.54 3.16
N ALA A 90 10.39 -9.77 2.71
CA ALA A 90 11.75 -10.22 2.70
C ALA A 90 12.65 -9.10 3.20
N HIS A 91 13.80 -9.49 3.74
CA HIS A 91 14.75 -8.54 4.31
C HIS A 91 16.13 -9.04 4.03
N ILE A 92 17.08 -8.12 3.91
CA ILE A 92 18.50 -8.47 4.03
C ILE A 92 18.83 -8.25 5.53
N LEU A 93 19.33 -9.28 6.21
CA LEU A 93 19.67 -9.19 7.64
C LEU A 93 21.12 -9.53 7.79
N VAL A 94 21.78 -8.90 8.77
CA VAL A 94 23.12 -9.32 9.18
C VAL A 94 23.05 -9.95 10.59
N LEU A 95 23.60 -11.15 10.74
CA LEU A 95 23.60 -11.88 12.00
C LEU A 95 25.04 -12.01 12.52
N HIS A 96 25.26 -11.65 13.79
CA HIS A 96 26.56 -11.72 14.47
C HIS A 96 26.38 -12.50 15.76
N SER A 97 27.15 -13.57 15.91
CA SER A 97 27.25 -14.29 17.18
C SER A 97 28.68 -14.08 17.69
N GLU A 98 28.84 -13.79 18.98
CA GLU A 98 30.18 -13.77 19.55
C GLU A 98 30.08 -14.64 20.79
N PHE A 99 30.65 -15.87 20.67
CA PHE A 99 30.94 -16.89 21.73
C PHE A 99 32.23 -16.56 22.58
N ASP A 100 32.68 -17.52 23.41
CA ASP A 100 33.86 -17.42 24.36
C ASP A 100 35.26 -17.38 23.71
N GLY A 101 36.19 -16.65 24.31
CA GLY A 101 37.56 -16.50 23.78
C GLY A 101 37.67 -15.50 22.64
N GLY A 102 36.52 -14.96 22.26
CA GLY A 102 36.44 -13.95 21.20
C GLY A 102 35.89 -14.38 19.85
N PHE A 103 35.39 -15.63 19.75
CA PHE A 103 34.83 -16.18 18.49
C PHE A 103 33.34 -15.87 18.48
N THR A 104 32.66 -15.13 17.59
CA THR A 104 32.86 -14.52 16.26
C THR A 104 32.54 -15.24 14.97
N SER A 105 31.26 -15.23 14.65
CA SER A 105 30.78 -15.62 13.32
C SER A 105 29.85 -14.51 12.85
N GLU A 106 29.90 -14.19 11.56
CA GLU A 106 28.90 -13.31 10.99
C GLU A 106 28.43 -13.81 9.63
N VAL A 107 27.15 -13.56 9.33
CA VAL A 107 26.54 -13.86 8.02
C VAL A 107 25.51 -12.82 7.58
N ARG A 108 25.54 -12.50 6.27
CA ARG A 108 24.55 -11.65 5.68
C ARG A 108 23.68 -12.45 4.67
N GLY A 109 22.37 -12.44 4.88
CA GLY A 109 21.47 -13.26 4.07
C GLY A 109 20.19 -12.54 3.69
N VAL A 110 19.49 -13.09 2.71
CA VAL A 110 18.10 -12.77 2.52
C VAL A 110 17.27 -13.66 3.43
N PHE A 111 16.31 -13.05 4.13
CA PHE A 111 15.34 -13.85 4.88
C PHE A 111 13.94 -13.48 4.48
N THR A 112 13.14 -14.50 4.27
CA THR A 112 11.77 -14.30 3.91
C THR A 112 10.91 -14.74 5.08
N TYR A 113 9.80 -14.05 5.25
CA TYR A 113 8.80 -14.34 6.27
C TYR A 113 7.42 -14.44 5.67
N ARG A 114 6.64 -15.39 6.18
CA ARG A 114 5.23 -15.47 5.84
C ARG A 114 4.43 -15.58 7.15
N VAL A 115 3.34 -14.81 7.29
CA VAL A 115 2.40 -14.91 8.43
C VAL A 115 1.07 -15.48 7.92
N ASN A 116 0.33 -16.16 8.81
CA ASN A 116 -1.06 -16.49 8.54
C ASN A 116 -2.06 -15.35 8.68
N LYS A 117 -3.32 -15.68 8.48
CA LYS A 117 -4.43 -14.70 8.54
C LYS A 117 -4.48 -14.03 9.93
N ALA A 118 -4.08 -14.77 10.95
CA ALA A 118 -3.97 -14.24 12.32
C ALA A 118 -2.75 -13.38 12.62
N GLY A 119 -1.80 -13.21 11.69
CA GLY A 119 -0.63 -12.36 11.95
C GLY A 119 0.59 -13.10 12.57
N LEU A 120 0.49 -14.41 12.70
CA LEU A 120 1.53 -15.24 13.28
C LEU A 120 2.45 -15.90 12.24
N ILE A 121 3.73 -16.01 12.59
CA ILE A 121 4.77 -16.57 11.70
C ILE A 121 4.57 -18.03 11.36
N THR A 122 4.44 -18.31 10.05
CA THR A 122 4.34 -19.70 9.62
C THR A 122 5.68 -20.12 8.99
N ASN A 123 6.42 -19.18 8.44
CA ASN A 123 7.68 -19.51 7.78
C ASN A 123 8.66 -18.44 7.96
N MET A 124 9.90 -18.84 8.17
CA MET A 124 11.02 -17.89 8.14
C MET A 124 12.13 -18.69 7.46
N ARG A 125 12.72 -18.08 6.45
CA ARG A 125 13.60 -18.85 5.52
C ARG A 125 14.84 -18.05 5.21
N GLY A 126 16.01 -18.64 5.40
CA GLY A 126 17.26 -17.94 5.24
C GLY A 126 18.09 -18.45 4.07
N TYR A 127 18.47 -17.50 3.23
CA TYR A 127 19.37 -17.77 2.08
C TYR A 127 20.77 -17.45 2.51
N TRP A 128 21.47 -18.45 3.04
CA TRP A 128 22.92 -18.32 3.35
C TRP A 128 23.47 -19.71 3.50
N ASN A 129 24.79 -19.85 3.42
CA ASN A 129 25.41 -21.11 3.68
C ASN A 129 26.76 -20.83 4.38
N LEU A 130 27.40 -21.90 4.81
CA LEU A 130 28.63 -21.82 5.61
C LEU A 130 29.77 -21.17 4.89
N ASP A 131 29.78 -21.29 3.56
CA ASP A 131 30.77 -20.62 2.72
C ASP A 131 30.66 -19.11 2.70
N MET A 132 29.50 -18.55 3.06
CA MET A 132 29.29 -17.09 3.09
C MET A 132 29.58 -16.48 4.51
N MET A 133 29.78 -17.35 5.49
CA MET A 133 29.92 -16.93 6.87
C MET A 133 31.36 -16.48 7.16
N THR A 134 31.52 -15.42 7.93
CA THR A 134 32.88 -15.01 8.26
C THR A 134 33.16 -15.23 9.73
N PHE A 135 34.36 -15.75 10.01
CA PHE A 135 34.83 -16.06 11.36
C PHE A 135 35.90 -15.02 11.83
N GLY A 136 35.86 -14.71 13.11
CA GLY A 136 36.86 -13.83 13.67
C GLY A 136 37.22 -14.10 15.12
N ASN A 137 38.03 -13.20 15.65
CA ASN A 137 38.49 -13.22 17.01
C ASN A 137 38.40 -11.78 17.53
N GLN A 138 37.85 -11.59 18.74
CA GLN A 138 37.83 -10.28 19.45
C GLN A 138 36.84 -9.28 18.80
N THR B 5 31.18 -26.62 -10.49
CA THR B 5 29.76 -26.81 -10.93
C THR B 5 28.86 -25.87 -10.14
N GLN B 6 28.34 -24.86 -10.85
CA GLN B 6 27.26 -23.99 -10.36
C GLN B 6 26.08 -24.83 -9.94
N SER B 7 25.27 -24.34 -8.99
CA SER B 7 24.12 -25.12 -8.50
C SER B 7 23.00 -25.15 -9.53
N PRO B 8 22.14 -26.17 -9.50
CA PRO B 8 20.94 -26.16 -10.37
C PRO B 8 20.12 -24.90 -10.20
N ALA B 9 20.01 -24.39 -8.96
CA ALA B 9 19.24 -23.15 -8.76
C ALA B 9 19.91 -21.94 -9.44
N LEU B 10 21.23 -21.86 -9.34
CA LEU B 10 21.92 -20.73 -9.95
C LEU B 10 21.90 -20.77 -11.51
N ILE B 11 22.12 -21.95 -12.08
CA ILE B 11 22.08 -22.17 -13.55
C ILE B 11 20.72 -21.71 -14.06
N ALA B 12 19.68 -22.10 -13.35
CA ALA B 12 18.32 -21.80 -13.77
C ALA B 12 18.07 -20.29 -13.73
N SER B 13 18.49 -19.63 -12.66
CA SER B 13 18.28 -18.17 -12.42
C SER B 13 18.98 -17.36 -13.49
N GLN B 14 20.28 -17.63 -13.65
CA GLN B 14 21.11 -17.01 -14.67
C GLN B 14 20.57 -17.26 -16.10
N SER B 15 20.09 -18.48 -16.42
CA SER B 15 19.47 -18.75 -17.72
C SER B 15 18.20 -18.00 -17.99
N SER B 16 17.40 -17.79 -16.96
CA SER B 16 16.15 -17.06 -17.11
C SER B 16 16.39 -15.59 -17.47
N TRP B 17 17.44 -14.94 -16.91
CA TRP B 17 17.77 -13.55 -17.29
C TRP B 17 18.37 -13.46 -18.71
N ARG B 18 19.20 -14.44 -19.07
CA ARG B 18 19.76 -14.58 -20.45
C ARG B 18 18.61 -14.77 -21.48
N CYS B 19 17.69 -15.67 -21.20
CA CYS B 19 16.54 -15.89 -22.09
C CYS B 19 15.70 -14.64 -22.28
N VAL B 20 15.43 -13.95 -21.17
CA VAL B 20 14.70 -12.68 -21.28
C VAL B 20 15.46 -11.63 -22.12
N GLN B 21 16.78 -11.56 -21.92
CA GLN B 21 17.52 -10.52 -22.58
C GLN B 21 17.69 -10.84 -24.06
N ALA B 22 17.70 -12.13 -24.39
CA ALA B 22 17.82 -12.63 -25.76
C ALA B 22 16.45 -12.69 -26.50
N HIS B 23 15.39 -12.32 -25.78
CA HIS B 23 13.99 -12.49 -26.18
C HIS B 23 13.78 -13.90 -26.71
N ASP B 24 14.25 -14.86 -25.93
CA ASP B 24 14.18 -16.26 -26.31
C ASP B 24 13.05 -16.97 -25.54
N ARG B 25 11.84 -16.94 -26.09
CA ARG B 25 10.66 -17.53 -25.46
C ARG B 25 10.75 -19.04 -25.28
N GLU B 26 11.26 -19.78 -26.29
CA GLU B 26 11.38 -21.23 -26.18
C GLU B 26 12.46 -21.61 -25.18
N GLY B 27 13.54 -20.85 -25.14
CA GLY B 27 14.61 -21.08 -24.17
C GLY B 27 14.04 -20.90 -22.76
N TRP B 28 13.23 -19.88 -22.61
CA TRP B 28 12.71 -19.50 -21.29
C TRP B 28 11.74 -20.54 -20.75
N LEU B 29 10.85 -20.99 -21.60
CA LEU B 29 9.93 -22.04 -21.22
C LEU B 29 10.59 -23.41 -20.95
N ALA B 30 11.65 -23.74 -21.69
CA ALA B 30 12.43 -24.95 -21.42
C ALA B 30 13.05 -24.95 -20.00
N LEU B 31 13.12 -23.79 -19.37
CA LEU B 31 13.58 -23.71 -17.99
C LEU B 31 12.57 -24.07 -16.95
N MET B 32 11.29 -24.14 -17.33
CA MET B 32 10.18 -24.22 -16.40
C MET B 32 9.64 -25.63 -16.24
N ALA B 33 9.29 -26.02 -15.00
CA ALA B 33 8.50 -27.22 -14.75
C ALA B 33 7.07 -26.98 -15.21
N ASP B 34 6.40 -28.07 -15.52
CA ASP B 34 5.03 -28.03 -16.01
C ASP B 34 4.14 -27.43 -14.94
N ASP B 35 4.47 -27.67 -13.67
CA ASP B 35 3.71 -27.10 -12.54
C ASP B 35 4.24 -25.74 -12.03
N VAL B 36 5.11 -25.11 -12.80
CA VAL B 36 5.65 -23.78 -12.48
C VAL B 36 4.57 -22.77 -12.01
N VAL B 37 4.90 -22.04 -10.97
CA VAL B 37 4.12 -20.90 -10.52
C VAL B 37 5.05 -19.69 -10.48
N ILE B 38 4.67 -18.63 -11.16
CA ILE B 38 5.42 -17.38 -11.08
C ILE B 38 4.61 -16.30 -10.36
N GLU B 39 5.15 -15.81 -9.26
CA GLU B 39 4.47 -14.78 -8.49
C GLU B 39 5.30 -13.54 -8.58
N ASP B 40 5.05 -12.74 -9.62
CA ASP B 40 5.85 -11.55 -9.92
C ASP B 40 4.95 -10.28 -9.99
N PRO B 41 4.62 -9.68 -8.82
CA PRO B 41 5.09 -10.03 -7.49
C PRO B 41 4.16 -10.99 -6.73
N ILE B 42 4.60 -11.38 -5.52
CA ILE B 42 3.72 -12.09 -4.60
C ILE B 42 2.61 -11.13 -4.20
N GLY B 43 1.36 -11.58 -4.28
CA GLY B 43 0.20 -10.74 -3.95
C GLY B 43 -0.38 -10.06 -5.19
N LYS B 44 -1.55 -9.49 -5.01
CA LYS B 44 -2.27 -8.80 -6.11
C LYS B 44 -1.51 -7.55 -6.60
N SER B 45 -1.32 -7.44 -7.91
CA SER B 45 -0.68 -6.27 -8.52
C SER B 45 -1.01 -6.38 -10.02
N VAL B 46 -0.51 -5.44 -10.83
CA VAL B 46 -0.83 -5.44 -12.29
C VAL B 46 -0.43 -6.73 -12.94
N THR B 47 0.72 -7.26 -12.52
CA THR B 47 1.26 -8.50 -13.11
C THR B 47 0.84 -9.79 -12.38
N ASN B 48 0.02 -9.67 -11.35
CA ASN B 48 -0.50 -10.83 -10.62
C ASN B 48 -1.93 -10.54 -10.22
N PRO B 49 -2.85 -10.40 -11.21
CA PRO B 49 -4.15 -9.85 -10.92
C PRO B 49 -4.96 -10.61 -9.85
N ASP B 50 -4.95 -11.94 -9.84
CA ASP B 50 -5.70 -12.63 -8.76
C ASP B 50 -4.89 -12.86 -7.45
N GLY B 51 -3.62 -12.44 -7.43
CA GLY B 51 -2.75 -12.61 -6.23
C GLY B 51 -2.19 -14.01 -5.95
N SER B 52 -2.57 -14.97 -6.77
CA SER B 52 -2.05 -16.29 -6.59
C SER B 52 -1.04 -16.73 -7.67
N GLY B 53 -0.62 -15.80 -8.52
CA GLY B 53 0.48 -16.05 -9.42
C GLY B 53 0.00 -16.68 -10.70
N ILE B 54 0.97 -16.86 -11.57
CA ILE B 54 0.76 -17.31 -12.93
C ILE B 54 1.21 -18.75 -13.01
N LYS B 55 0.30 -19.63 -13.36
CA LYS B 55 0.51 -21.07 -13.23
C LYS B 55 0.57 -21.87 -14.52
N GLY B 56 1.64 -22.61 -14.75
CA GLY B 56 1.78 -23.41 -15.96
C GLY B 56 2.51 -22.77 -17.14
N LYS B 57 3.06 -23.60 -18.01
CA LYS B 57 3.90 -23.14 -19.14
C LYS B 57 3.16 -22.23 -20.12
N GLU B 58 1.96 -22.65 -20.50
CA GLU B 58 1.12 -21.82 -21.37
C GLU B 58 0.92 -20.39 -20.80
N ALA B 59 0.54 -20.30 -19.53
CA ALA B 59 0.30 -19.01 -18.88
C ALA B 59 1.60 -18.23 -18.66
N VAL B 60 2.67 -18.97 -18.35
CA VAL B 60 3.98 -18.37 -18.15
C VAL B 60 4.61 -17.91 -19.52
N GLY B 61 4.32 -18.62 -20.61
CA GLY B 61 4.52 -18.11 -22.01
C GLY B 61 3.89 -16.73 -22.26
N ALA B 62 2.59 -16.61 -21.96
CA ALA B 62 1.85 -15.35 -22.10
C ALA B 62 2.45 -14.22 -21.27
N PHE B 63 2.88 -14.55 -20.04
CA PHE B 63 3.64 -13.62 -19.19
C PHE B 63 4.90 -13.11 -19.86
N PHE B 64 5.74 -14.01 -20.36
CA PHE B 64 6.90 -13.62 -21.15
C PHE B 64 6.52 -12.62 -22.29
N ASP B 65 5.49 -12.93 -23.05
CA ASP B 65 5.04 -12.07 -24.19
C ASP B 65 4.68 -10.66 -23.77
N THR B 66 3.85 -10.56 -22.72
CA THR B 66 3.42 -9.26 -22.21
C THR B 66 4.53 -8.37 -21.62
N HIS B 67 5.57 -8.99 -21.06
CA HIS B 67 6.64 -8.23 -20.45
C HIS B 67 7.66 -7.68 -21.43
N ILE B 68 7.88 -8.40 -22.54
CA ILE B 68 8.91 -7.99 -23.49
C ILE B 68 8.36 -7.23 -24.72
N ALA B 69 7.05 -7.28 -24.93
CA ALA B 69 6.42 -6.63 -26.07
C ALA B 69 6.62 -5.10 -26.03
N ALA B 70 7.14 -4.54 -27.13
CA ALA B 70 7.39 -3.07 -27.25
C ALA B 70 8.30 -2.52 -26.14
N ASN B 71 9.13 -3.38 -25.55
CA ASN B 71 9.90 -3.10 -24.35
C ASN B 71 11.38 -3.39 -24.57
N ARG B 72 12.25 -2.52 -24.07
CA ARG B 72 13.67 -2.89 -23.91
C ARG B 72 13.89 -3.23 -22.39
N LEU B 73 13.54 -4.48 -22.02
CA LEU B 73 13.70 -5.01 -20.64
C LEU B 73 15.14 -5.46 -20.36
N THR B 74 15.80 -4.83 -19.39
CA THR B 74 17.03 -5.41 -18.85
C THR B 74 16.82 -5.92 -17.43
N VAL B 75 17.46 -7.06 -17.13
CA VAL B 75 17.30 -7.74 -15.83
C VAL B 75 18.72 -7.81 -15.32
N THR B 76 19.04 -6.97 -14.33
CA THR B 76 20.37 -6.87 -13.81
C THR B 76 20.36 -7.43 -12.39
N CYS B 77 21.21 -8.40 -12.14
CA CYS B 77 21.39 -9.02 -10.84
C CYS B 77 22.41 -8.20 -10.12
N GLU B 78 21.95 -7.53 -9.09
CA GLU B 78 22.84 -6.76 -8.22
C GLU B 78 23.55 -7.66 -7.23
N GLU B 79 22.81 -8.65 -6.71
CA GLU B 79 23.42 -9.53 -5.72
C GLU B 79 22.74 -10.89 -5.62
N THR B 80 23.52 -11.92 -5.36
CA THR B 80 23.02 -13.29 -5.31
C THR B 80 23.21 -13.89 -3.93
N PHE B 81 22.17 -14.49 -3.39
CA PHE B 81 22.27 -15.15 -2.06
C PHE B 81 21.98 -16.61 -2.18
N PRO B 82 23.04 -17.43 -2.35
CA PRO B 82 22.77 -18.85 -2.32
C PRO B 82 22.14 -19.22 -0.98
N SER B 83 21.54 -20.41 -0.90
CA SER B 83 21.10 -21.00 0.39
C SER B 83 22.04 -22.16 0.66
N SER B 84 21.65 -23.06 1.55
CA SER B 84 22.39 -24.30 1.78
C SER B 84 21.76 -25.44 1.03
N SER B 85 20.75 -25.15 0.19
CA SER B 85 20.21 -26.12 -0.73
C SER B 85 20.60 -25.78 -2.20
N PRO B 86 21.14 -26.75 -2.98
CA PRO B 86 21.47 -26.32 -4.35
C PRO B 86 20.23 -26.04 -5.23
N ASP B 87 19.02 -26.26 -4.69
CA ASP B 87 17.76 -26.03 -5.39
C ASP B 87 17.00 -24.72 -5.08
N GLU B 88 17.58 -23.83 -4.27
CA GLU B 88 16.89 -22.60 -3.84
C GLU B 88 17.89 -21.48 -3.68
N ILE B 89 17.51 -20.33 -4.20
CA ILE B 89 18.44 -19.22 -4.29
C ILE B 89 17.59 -17.99 -4.31
N ALA B 90 18.21 -16.85 -4.01
CA ALA B 90 17.54 -15.55 -3.91
C ALA B 90 18.48 -14.54 -4.54
N HIS B 91 17.94 -13.48 -5.14
CA HIS B 91 18.77 -12.44 -5.75
C HIS B 91 18.11 -11.13 -5.46
N ILE B 92 18.92 -10.09 -5.40
CA ILE B 92 18.39 -8.75 -5.56
C ILE B 92 18.47 -8.42 -7.08
N LEU B 93 17.31 -8.22 -7.73
CA LEU B 93 17.24 -7.84 -9.17
C LEU B 93 16.71 -6.45 -9.42
N VAL B 94 17.33 -5.76 -10.37
CA VAL B 94 16.79 -4.50 -10.91
C VAL B 94 16.18 -4.78 -12.31
N LEU B 95 14.87 -4.63 -12.41
CA LEU B 95 14.10 -4.82 -13.61
C LEU B 95 13.89 -3.43 -14.23
N HIS B 96 14.51 -3.19 -15.39
CA HIS B 96 14.43 -1.87 -16.06
C HIS B 96 13.71 -1.92 -17.40
N SER B 97 12.57 -1.26 -17.50
CA SER B 97 11.83 -1.16 -18.76
C SER B 97 11.95 0.19 -19.46
N GLU B 98 12.25 0.13 -20.74
CA GLU B 98 12.19 1.30 -21.62
C GLU B 98 11.27 0.94 -22.80
N PHE B 99 10.03 1.38 -22.73
CA PHE B 99 9.02 0.99 -23.69
C PHE B 99 9.17 1.81 -24.97
N ASP B 100 8.37 1.45 -25.99
CA ASP B 100 8.34 2.21 -27.26
C ASP B 100 7.54 3.49 -27.00
N GLY B 101 8.12 4.63 -27.39
CA GLY B 101 7.56 5.93 -27.03
C GLY B 101 8.43 6.64 -26.00
N GLY B 102 9.36 5.89 -25.39
CA GLY B 102 10.41 6.43 -24.47
C GLY B 102 10.15 6.52 -22.96
N PHE B 103 9.05 5.92 -22.52
CA PHE B 103 8.60 5.98 -21.14
C PHE B 103 9.30 4.92 -20.28
N THR B 104 10.05 5.36 -19.26
CA THR B 104 10.84 4.47 -18.37
C THR B 104 10.06 3.93 -17.14
N SER B 105 10.41 2.72 -16.71
CA SER B 105 9.74 2.07 -15.59
C SER B 105 10.74 1.14 -14.90
N GLU B 106 10.88 1.23 -13.58
CA GLU B 106 11.91 0.44 -12.88
C GLU B 106 11.52 -0.06 -11.47
N VAL B 107 11.90 -1.30 -11.16
CA VAL B 107 11.75 -1.84 -9.79
C VAL B 107 12.96 -2.68 -9.40
N ARG B 108 13.31 -2.55 -8.12
CA ARG B 108 14.39 -3.31 -7.53
C ARG B 108 13.73 -4.14 -6.42
N GLY B 109 13.89 -5.46 -6.51
CA GLY B 109 13.24 -6.35 -5.58
C GLY B 109 14.11 -7.51 -5.19
N VAL B 110 13.59 -8.33 -4.26
CA VAL B 110 14.13 -9.64 -3.96
C VAL B 110 13.31 -10.67 -4.73
N PHE B 111 14.02 -11.55 -5.44
CA PHE B 111 13.40 -12.64 -6.16
C PHE B 111 13.96 -13.91 -5.66
N THR B 112 13.09 -14.85 -5.35
CA THR B 112 13.53 -16.17 -4.97
C THR B 112 13.14 -17.14 -6.06
N TYR B 113 13.94 -18.17 -6.19
CA TYR B 113 13.71 -19.21 -7.15
C TYR B 113 13.81 -20.54 -6.46
N ARG B 114 12.93 -21.43 -6.86
CA ARG B 114 13.11 -22.85 -6.50
C ARG B 114 13.07 -23.69 -7.77
N VAL B 115 13.93 -24.71 -7.84
CA VAL B 115 13.97 -25.78 -8.87
C VAL B 115 13.63 -27.17 -8.28
N ASN B 116 13.01 -28.01 -9.09
CA ASN B 116 12.84 -29.43 -8.71
C ASN B 116 14.08 -30.30 -8.92
N LYS B 117 13.91 -31.63 -8.79
CA LYS B 117 15.03 -32.58 -8.92
C LYS B 117 15.63 -32.64 -10.35
N ALA B 118 14.79 -32.40 -11.37
CA ALA B 118 15.26 -32.25 -12.75
C ALA B 118 16.00 -30.90 -13.03
N GLY B 119 15.97 -29.98 -12.06
CA GLY B 119 16.59 -28.68 -12.27
C GLY B 119 15.72 -27.66 -12.94
N LEU B 120 14.43 -27.94 -13.04
CA LEU B 120 13.45 -27.04 -13.66
C LEU B 120 12.80 -26.14 -12.61
N ILE B 121 12.56 -24.88 -12.99
CA ILE B 121 11.93 -23.88 -12.12
C ILE B 121 10.51 -24.30 -11.76
N THR B 122 10.28 -24.49 -10.46
CA THR B 122 8.92 -24.66 -9.94
C THR B 122 8.37 -23.33 -9.46
N ASN B 123 9.24 -22.45 -8.98
CA ASN B 123 8.79 -21.19 -8.37
C ASN B 123 9.72 -20.07 -8.62
N MET B 124 9.14 -18.90 -8.81
CA MET B 124 9.86 -17.68 -8.97
C MET B 124 8.94 -16.68 -8.32
N ARG B 125 9.49 -15.89 -7.41
CA ARG B 125 8.66 -15.12 -6.43
C ARG B 125 9.35 -13.80 -6.18
N GLY B 126 8.62 -12.71 -6.40
CA GLY B 126 9.23 -11.42 -6.25
C GLY B 126 8.66 -10.59 -5.09
N TYR B 127 9.54 -10.00 -4.34
CA TYR B 127 9.16 -9.15 -3.21
C TYR B 127 9.26 -7.71 -3.71
N TRP B 128 8.16 -7.22 -4.30
CA TRP B 128 8.03 -5.81 -4.71
C TRP B 128 6.56 -5.40 -4.79
N ASN B 129 6.32 -4.09 -4.81
CA ASN B 129 4.99 -3.60 -5.09
C ASN B 129 5.06 -2.30 -5.94
N LEU B 130 3.92 -1.84 -6.39
CA LEU B 130 3.87 -0.62 -7.24
C LEU B 130 4.37 0.64 -6.55
N ASP B 131 4.21 0.71 -5.21
CA ASP B 131 4.76 1.84 -4.43
C ASP B 131 6.27 1.96 -4.46
N MET B 132 6.96 0.89 -4.87
CA MET B 132 8.43 0.78 -4.95
C MET B 132 8.96 1.07 -6.35
N MET B 133 8.05 1.13 -7.30
CA MET B 133 8.45 1.35 -8.68
C MET B 133 8.78 2.86 -8.94
N THR B 134 9.83 3.10 -9.74
CA THR B 134 10.11 4.44 -10.25
C THR B 134 9.91 4.59 -11.76
N PHE B 135 9.87 5.85 -12.20
CA PHE B 135 9.54 6.19 -13.60
C PHE B 135 10.48 7.21 -14.26
N THR C 5 -26.32 26.38 -15.27
CA THR C 5 -25.59 27.23 -14.28
C THR C 5 -24.69 26.36 -13.38
N GLN C 6 -23.62 25.84 -13.98
CA GLN C 6 -22.70 24.96 -13.28
C GLN C 6 -21.76 25.81 -12.42
N SER C 7 -21.51 25.33 -11.19
CA SER C 7 -20.57 25.94 -10.24
C SER C 7 -19.14 25.93 -10.82
N PRO C 8 -18.31 26.92 -10.43
CA PRO C 8 -16.93 26.83 -10.93
C PRO C 8 -16.22 25.51 -10.53
N ALA C 9 -16.56 24.92 -9.40
CA ALA C 9 -15.94 23.64 -8.97
C ALA C 9 -16.35 22.44 -9.87
N LEU C 10 -17.63 22.41 -10.25
CA LEU C 10 -18.15 21.40 -11.17
C LEU C 10 -17.57 21.54 -12.53
N ILE C 11 -17.44 22.78 -13.02
CA ILE C 11 -16.85 22.97 -14.35
C ILE C 11 -15.37 22.49 -14.39
N ALA C 12 -14.62 22.84 -13.37
CA ALA C 12 -13.19 22.43 -13.21
C ALA C 12 -13.09 20.89 -13.17
N SER C 13 -13.91 20.28 -12.30
CA SER C 13 -13.97 18.78 -12.22
C SER C 13 -14.17 18.11 -13.54
N GLN C 14 -15.25 18.51 -14.24
CA GLN C 14 -15.63 17.90 -15.49
C GLN C 14 -14.59 18.22 -16.54
N SER C 15 -14.06 19.44 -16.54
CA SER C 15 -12.98 19.77 -17.50
C SER C 15 -11.72 18.91 -17.27
N SER C 16 -11.39 18.70 -15.99
CA SER C 16 -10.27 17.77 -15.63
C SER C 16 -10.40 16.38 -16.24
N TRP C 17 -11.58 15.76 -16.07
CA TRP C 17 -11.81 14.41 -16.59
C TRP C 17 -11.77 14.42 -18.11
N ARG C 18 -12.33 15.46 -18.75
CA ARG C 18 -12.15 15.61 -20.21
C ARG C 18 -10.70 15.67 -20.68
N CYS C 19 -9.91 16.59 -20.13
CA CYS C 19 -8.53 16.75 -20.59
C CYS C 19 -7.62 15.57 -20.37
N VAL C 20 -7.76 14.96 -19.20
CA VAL C 20 -7.01 13.76 -18.84
C VAL C 20 -7.33 12.60 -19.82
N GLN C 21 -8.62 12.40 -20.13
CA GLN C 21 -9.00 11.30 -21.02
C GLN C 21 -8.65 11.59 -22.49
N ALA C 22 -8.65 12.87 -22.86
CA ALA C 22 -8.17 13.32 -24.18
C ALA C 22 -6.62 13.43 -24.32
N HIS C 23 -5.87 13.27 -23.22
CA HIS C 23 -4.40 13.51 -23.15
C HIS C 23 -3.97 14.92 -23.62
N ASP C 24 -4.78 15.89 -23.22
CA ASP C 24 -4.59 17.31 -23.51
C ASP C 24 -3.79 17.88 -22.34
N ARG C 25 -2.46 17.75 -22.41
CA ARG C 25 -1.55 18.31 -21.42
C ARG C 25 -1.79 19.79 -21.16
N GLU C 26 -1.99 20.55 -22.26
CA GLU C 26 -2.07 22.02 -22.18
C GLU C 26 -3.39 22.40 -21.58
N GLY C 27 -4.46 21.76 -22.05
CA GLY C 27 -5.76 21.98 -21.41
C GLY C 27 -5.77 21.70 -19.91
N TRP C 28 -5.14 20.61 -19.51
CA TRP C 28 -5.22 20.16 -18.12
C TRP C 28 -4.54 21.15 -17.18
N LEU C 29 -3.31 21.53 -17.54
CA LEU C 29 -2.58 22.60 -16.82
C LEU C 29 -3.33 23.93 -16.78
N ALA C 30 -3.95 24.30 -17.89
CA ALA C 30 -4.73 25.56 -17.95
C ALA C 30 -5.87 25.58 -16.93
N LEU C 31 -6.30 24.39 -16.49
CA LEU C 31 -7.26 24.30 -15.36
C LEU C 31 -6.72 24.54 -13.97
N MET C 32 -5.40 24.44 -13.82
CA MET C 32 -4.73 24.52 -12.52
C MET C 32 -4.29 25.95 -12.10
N ALA C 33 -4.39 26.23 -10.81
CA ALA C 33 -3.89 27.46 -10.21
C ALA C 33 -2.38 27.35 -10.08
N ASP C 34 -1.70 28.46 -9.78
CA ASP C 34 -0.23 28.44 -9.73
C ASP C 34 0.23 27.74 -8.48
N ASP C 35 -0.64 27.77 -7.48
CA ASP C 35 -0.38 27.05 -6.22
C ASP C 35 -1.05 25.64 -6.11
N VAL C 36 -1.35 25.00 -7.23
CA VAL C 36 -2.09 23.72 -7.23
C VAL C 36 -1.31 22.70 -6.43
N VAL C 37 -2.00 21.95 -5.55
CA VAL C 37 -1.50 20.74 -4.89
C VAL C 37 -2.42 19.56 -5.26
N ILE C 38 -1.93 18.60 -6.00
CA ILE C 38 -2.72 17.39 -6.26
C ILE C 38 -2.22 16.28 -5.33
N GLU C 39 -3.13 15.85 -4.46
CA GLU C 39 -2.97 14.66 -3.62
C GLU C 39 -3.78 13.42 -4.05
N ASP C 40 -3.33 12.76 -5.11
CA ASP C 40 -4.06 11.63 -5.65
C ASP C 40 -3.28 10.35 -5.53
N PRO C 41 -3.44 9.59 -4.42
CA PRO C 41 -4.33 9.79 -3.29
C PRO C 41 -3.63 10.64 -2.22
N ILE C 42 -4.36 10.98 -1.20
CA ILE C 42 -3.78 11.57 -0.02
C ILE C 42 -2.84 10.49 0.60
N GLY C 43 -1.58 10.81 0.87
CA GLY C 43 -0.68 9.88 1.56
C GLY C 43 0.31 9.27 0.60
N LYS C 44 1.39 8.65 1.12
CA LYS C 44 2.48 8.22 0.24
C LYS C 44 1.99 7.07 -0.61
N SER C 45 2.36 7.04 -1.90
CA SER C 45 1.86 6.06 -2.87
C SER C 45 2.59 6.26 -4.17
N VAL C 46 2.40 5.38 -5.15
CA VAL C 46 3.05 5.60 -6.47
C VAL C 46 2.86 7.04 -6.97
N THR C 47 1.62 7.51 -6.92
CA THR C 47 1.18 8.74 -7.58
C THR C 47 1.25 9.92 -6.59
N ASN C 48 1.65 9.63 -5.36
CA ASN C 48 1.97 10.66 -4.37
C ASN C 48 3.30 10.33 -3.64
N PRO C 49 4.43 10.26 -4.39
CA PRO C 49 5.62 9.57 -3.84
C PRO C 49 6.21 10.10 -2.51
N ASP C 50 6.10 11.40 -2.27
CA ASP C 50 6.52 11.99 -1.00
C ASP C 50 5.44 12.06 0.10
N GLY C 51 4.20 11.75 -0.22
CA GLY C 51 3.13 11.84 0.77
C GLY C 51 2.54 13.22 1.08
N SER C 52 3.05 14.26 0.42
CA SER C 52 2.49 15.61 0.64
C SER C 52 1.98 16.28 -0.66
N GLY C 53 1.94 15.53 -1.75
CA GLY C 53 1.22 15.99 -2.95
C GLY C 53 2.15 16.46 -4.00
N ILE C 54 1.64 16.50 -5.22
CA ILE C 54 2.29 17.12 -6.37
C ILE C 54 2.01 18.63 -6.38
N LYS C 55 3.08 19.43 -6.27
CA LYS C 55 2.93 20.86 -5.95
C LYS C 55 3.41 21.79 -7.10
N GLY C 56 2.47 22.51 -7.74
CA GLY C 56 2.83 23.48 -8.80
C GLY C 56 2.72 22.88 -10.17
N LYS C 57 2.59 23.72 -11.19
CA LYS C 57 2.30 23.26 -12.55
C LYS C 57 3.38 22.45 -13.24
N GLU C 58 4.66 22.77 -12.99
CA GLU C 58 5.78 21.99 -13.54
C GLU C 58 5.59 20.52 -13.17
N ALA C 59 5.26 20.29 -11.92
CA ALA C 59 5.27 18.96 -11.33
C ALA C 59 3.98 18.21 -11.73
N VAL C 60 2.85 18.92 -11.84
CA VAL C 60 1.62 18.41 -12.47
C VAL C 60 1.87 18.00 -13.91
N GLY C 61 2.59 18.83 -14.68
CA GLY C 61 2.92 18.44 -16.03
C GLY C 61 3.73 17.17 -16.05
N ALA C 62 4.72 17.08 -15.15
CA ALA C 62 5.56 15.89 -15.08
C ALA C 62 4.73 14.64 -14.66
N PHE C 63 3.85 14.81 -13.68
CA PHE C 63 2.82 13.79 -13.36
C PHE C 63 2.03 13.31 -14.60
N PHE C 64 1.51 14.26 -15.40
CA PHE C 64 0.82 13.96 -16.63
C PHE C 64 1.71 13.14 -17.56
N ASP C 65 2.94 13.60 -17.76
CA ASP C 65 3.90 12.97 -18.65
C ASP C 65 4.20 11.55 -18.20
N THR C 66 4.43 11.38 -16.90
CA THR C 66 4.79 10.09 -16.29
C THR C 66 3.63 9.07 -16.11
N HIS C 67 2.38 9.53 -15.89
CA HIS C 67 1.25 8.63 -15.52
C HIS C 67 -0.02 8.68 -16.38
N ILE C 68 -0.12 9.71 -17.24
CA ILE C 68 -1.32 9.95 -18.05
C ILE C 68 -1.08 9.76 -19.57
N ALA C 69 0.06 10.28 -20.07
CA ALA C 69 0.40 10.22 -21.51
C ALA C 69 0.37 8.83 -22.16
N ALA C 70 1.03 7.85 -21.53
CA ALA C 70 1.04 6.47 -22.00
C ALA C 70 -0.19 5.68 -21.53
N ASN C 71 -1.14 6.35 -20.88
CA ASN C 71 -2.24 5.72 -20.20
C ASN C 71 -3.57 5.80 -20.93
N ARG C 72 -4.12 4.67 -21.36
CA ARG C 72 -5.49 4.72 -21.85
C ARG C 72 -6.48 4.74 -20.68
N LEU C 73 -6.83 5.96 -20.28
CA LEU C 73 -7.54 6.26 -19.06
C LEU C 73 -9.03 6.43 -19.33
N THR C 74 -9.85 5.90 -18.43
CA THR C 74 -11.27 6.16 -18.45
C THR C 74 -11.64 6.63 -17.05
N VAL C 75 -12.39 7.72 -17.02
CA VAL C 75 -12.88 8.31 -15.79
C VAL C 75 -14.39 8.17 -15.88
N THR C 76 -14.95 7.61 -14.81
CA THR C 76 -16.40 7.52 -14.66
C THR C 76 -16.81 8.24 -13.40
N CYS C 77 -17.70 9.21 -13.56
CA CYS C 77 -18.31 9.88 -12.44
C CYS C 77 -19.55 9.10 -12.01
N GLU C 78 -19.44 8.43 -10.87
CA GLU C 78 -20.54 7.63 -10.35
C GLU C 78 -21.54 8.49 -9.57
N GLU C 79 -21.06 9.40 -8.72
CA GLU C 79 -21.94 10.35 -8.05
C GLU C 79 -21.22 11.66 -7.75
N THR C 80 -21.91 12.78 -7.86
CA THR C 80 -21.33 14.09 -7.51
C THR C 80 -22.06 14.63 -6.31
N PHE C 81 -21.28 15.11 -5.34
CA PHE C 81 -21.80 15.75 -4.12
C PHE C 81 -21.32 17.23 -4.01
N PRO C 82 -22.18 18.18 -4.39
CA PRO C 82 -21.81 19.60 -4.18
C PRO C 82 -21.83 19.87 -2.71
N SER C 83 -21.05 20.86 -2.26
CA SER C 83 -21.14 21.40 -0.90
C SER C 83 -22.03 22.64 -1.00
N SER C 84 -22.07 23.47 0.05
CA SER C 84 -22.85 24.71 -0.04
C SER C 84 -21.94 25.93 -0.46
N SER C 85 -20.70 25.63 -0.87
CA SER C 85 -19.81 26.60 -1.53
C SER C 85 -19.67 26.19 -2.97
N PRO C 86 -19.82 27.13 -3.94
CA PRO C 86 -19.58 26.79 -5.36
C PRO C 86 -18.11 26.53 -5.72
N ASP C 87 -17.21 26.70 -4.77
CA ASP C 87 -15.82 26.45 -5.12
C ASP C 87 -15.24 25.14 -4.60
N GLU C 88 -16.09 24.35 -3.91
CA GLU C 88 -15.65 23.05 -3.37
C GLU C 88 -16.68 21.97 -3.65
N ILE C 89 -16.22 20.82 -4.14
CA ILE C 89 -17.13 19.75 -4.62
C ILE C 89 -16.46 18.38 -4.40
N ALA C 90 -17.26 17.32 -4.27
CA ALA C 90 -16.74 15.94 -4.11
C ALA C 90 -17.43 14.97 -5.06
N HIS C 91 -16.71 13.94 -5.51
CA HIS C 91 -17.24 13.00 -6.40
C HIS C 91 -16.78 11.61 -5.95
N ILE C 92 -17.59 10.61 -6.31
CA ILE C 92 -17.12 9.21 -6.37
C ILE C 92 -16.81 8.97 -7.81
N LEU C 93 -15.54 8.60 -8.08
CA LEU C 93 -15.03 8.32 -9.40
C LEU C 93 -14.47 6.90 -9.44
N VAL C 94 -14.57 6.28 -10.61
CA VAL C 94 -13.87 5.05 -10.89
C VAL C 94 -12.84 5.42 -11.92
N LEU C 95 -11.59 5.11 -11.67
CA LEU C 95 -10.52 5.39 -12.61
C LEU C 95 -9.97 4.08 -13.16
N HIS C 96 -10.00 3.93 -14.47
CA HIS C 96 -9.57 2.75 -15.22
C HIS C 96 -8.32 3.11 -16.00
N SER C 97 -7.17 2.47 -15.72
CA SER C 97 -5.94 2.72 -16.50
C SER C 97 -5.55 1.51 -17.30
N GLU C 98 -4.88 1.73 -18.41
CA GLU C 98 -4.39 0.64 -19.25
C GLU C 98 -3.05 1.12 -19.83
N PHE C 99 -1.99 0.33 -19.66
CA PHE C 99 -0.62 0.69 -20.11
C PHE C 99 -0.16 -0.50 -20.92
N ASP C 100 0.86 -0.31 -21.79
CA ASP C 100 1.19 -1.25 -22.90
C ASP C 100 0.28 -2.43 -23.18
N GLY C 101 -0.81 -2.13 -23.87
CA GLY C 101 -1.83 -3.09 -24.27
C GLY C 101 -2.59 -3.66 -23.09
N GLY C 102 -1.90 -4.42 -22.27
CA GLY C 102 -2.58 -5.32 -21.38
C GLY C 102 -2.73 -4.96 -19.93
N PHE C 103 -1.85 -4.09 -19.42
CA PHE C 103 -1.71 -3.88 -17.98
C PHE C 103 -2.74 -2.89 -17.44
N THR C 104 -3.89 -3.43 -17.08
CA THR C 104 -5.04 -2.66 -16.61
C THR C 104 -5.15 -2.58 -15.09
N SER C 105 -5.68 -1.47 -14.59
CA SER C 105 -5.89 -1.33 -13.18
C SER C 105 -7.08 -0.44 -13.04
N GLU C 106 -7.65 -0.42 -11.84
CA GLU C 106 -8.91 0.21 -11.64
C GLU C 106 -9.09 0.48 -10.16
N VAL C 107 -9.50 1.69 -9.81
CA VAL C 107 -9.79 2.03 -8.38
C VAL C 107 -10.99 2.92 -8.29
N ARG C 108 -11.75 2.81 -7.22
CA ARG C 108 -12.85 3.71 -6.99
C ARG C 108 -12.70 4.44 -5.63
N GLY C 109 -12.86 5.75 -5.66
CA GLY C 109 -12.70 6.50 -4.42
C GLY C 109 -13.45 7.80 -4.38
N VAL C 110 -13.27 8.50 -3.28
CA VAL C 110 -13.86 9.82 -3.15
C VAL C 110 -12.76 10.81 -3.57
N PHE C 111 -13.15 11.77 -4.40
CA PHE C 111 -12.23 12.79 -4.90
C PHE C 111 -12.82 14.17 -4.64
N THR C 112 -12.04 15.02 -3.97
CA THR C 112 -12.45 16.41 -3.66
C THR C 112 -11.68 17.40 -4.56
N TYR C 113 -12.42 18.39 -5.05
CA TYR C 113 -11.81 19.48 -5.84
C TYR C 113 -12.09 20.81 -5.15
N ARG C 114 -11.06 21.66 -5.07
CA ARG C 114 -11.22 23.02 -4.58
C ARG C 114 -10.70 24.00 -5.63
N VAL C 115 -11.49 25.05 -5.90
CA VAL C 115 -11.08 26.05 -6.92
C VAL C 115 -10.90 27.42 -6.25
N ASN C 116 -10.07 28.29 -6.86
CA ASN C 116 -9.90 29.71 -6.43
C ASN C 116 -11.00 30.63 -7.03
N LYS C 117 -10.90 31.96 -6.88
CA LYS C 117 -11.91 32.86 -7.48
C LYS C 117 -11.78 32.99 -9.01
N ALA C 118 -10.68 32.50 -9.56
CA ALA C 118 -10.54 32.49 -10.99
C ALA C 118 -11.02 31.18 -11.57
N GLY C 119 -11.52 30.31 -10.67
CA GLY C 119 -12.07 28.99 -11.04
C GLY C 119 -10.99 27.97 -11.40
N LEU C 120 -9.77 28.25 -10.94
CA LEU C 120 -8.63 27.35 -11.19
C LEU C 120 -8.44 26.38 -10.06
N ILE C 121 -8.06 25.16 -10.37
CA ILE C 121 -8.03 24.15 -9.32
C ILE C 121 -6.87 24.39 -8.33
N THR C 122 -7.14 24.58 -7.04
CA THR C 122 -6.07 24.70 -6.11
C THR C 122 -5.73 23.36 -5.45
N ASN C 123 -6.69 22.43 -5.40
CA ASN C 123 -6.58 21.20 -4.57
C ASN C 123 -7.41 20.11 -5.20
N MET C 124 -6.80 18.96 -5.47
CA MET C 124 -7.51 17.77 -5.95
C MET C 124 -6.95 16.70 -5.01
N ARG C 125 -7.80 16.11 -4.18
CA ARG C 125 -7.39 15.07 -3.21
C ARG C 125 -8.23 13.76 -3.39
N GLY C 126 -7.55 12.60 -3.34
CA GLY C 126 -8.22 11.34 -3.57
C GLY C 126 -8.19 10.50 -2.35
N TYR C 127 -9.32 9.89 -2.03
CA TYR C 127 -9.38 9.00 -0.87
C TYR C 127 -9.46 7.59 -1.40
N TRP C 128 -8.28 7.02 -1.63
CA TRP C 128 -8.13 5.63 -2.04
C TRP C 128 -6.74 5.16 -1.63
N ASN C 129 -6.54 3.83 -1.58
CA ASN C 129 -5.22 3.27 -1.51
C ASN C 129 -5.00 2.07 -2.44
N LEU C 130 -3.75 1.69 -2.62
CA LEU C 130 -3.39 0.55 -3.49
C LEU C 130 -4.09 -0.75 -3.15
N ASP C 131 -4.47 -0.87 -1.88
CA ASP C 131 -5.24 -2.06 -1.43
C ASP C 131 -6.67 -2.05 -1.93
N MET C 132 -7.13 -0.88 -2.38
CA MET C 132 -8.49 -0.75 -2.97
C MET C 132 -8.53 -1.01 -4.48
N MET C 133 -7.38 -1.00 -5.16
CA MET C 133 -7.33 -1.21 -6.61
C MET C 133 -7.49 -2.65 -6.97
N THR C 134 -7.95 -2.92 -8.19
CA THR C 134 -7.99 -4.29 -8.68
C THR C 134 -7.35 -4.29 -10.07
N PHE C 135 -7.02 -5.47 -10.60
CA PHE C 135 -6.11 -5.57 -11.78
C PHE C 135 -6.59 -6.58 -12.81
N GLY C 136 -6.18 -6.42 -14.07
CA GLY C 136 -6.70 -7.19 -15.21
C GLY C 136 -8.22 -7.10 -15.44
N ASN C 137 -8.89 -6.15 -14.76
CA ASN C 137 -10.37 -6.10 -14.48
C ASN C 137 -11.14 -4.85 -15.00
N GLN D 6 -7.44 -0.54 13.73
CA GLN D 6 -8.15 0.47 12.87
C GLN D 6 -7.33 1.76 12.83
N SER D 7 -7.45 2.52 11.73
CA SER D 7 -6.70 3.77 11.57
C SER D 7 -7.14 4.86 12.56
N PRO D 8 -6.21 5.77 12.94
CA PRO D 8 -6.64 6.91 13.78
C PRO D 8 -7.83 7.65 13.20
N ALA D 9 -7.78 7.88 11.89
CA ALA D 9 -8.85 8.57 11.16
C ALA D 9 -10.18 7.83 11.33
N LEU D 10 -10.18 6.50 11.15
CA LEU D 10 -11.42 5.71 11.26
C LEU D 10 -11.91 5.59 12.71
N ILE D 11 -10.99 5.43 13.65
CA ILE D 11 -11.34 5.36 15.10
C ILE D 11 -12.16 6.63 15.46
N ALA D 12 -11.54 7.80 15.26
CA ALA D 12 -12.21 9.13 15.36
C ALA D 12 -13.59 9.28 14.68
N SER D 13 -13.70 8.90 13.41
CA SER D 13 -14.94 9.14 12.67
C SER D 13 -16.08 8.29 13.22
N GLN D 14 -15.77 7.02 13.48
CA GLN D 14 -16.72 6.04 14.05
C GLN D 14 -17.09 6.38 15.50
N SER D 15 -16.10 6.83 16.27
CA SER D 15 -16.34 7.30 17.65
C SER D 15 -17.25 8.53 17.64
N SER D 16 -17.06 9.42 16.67
CA SER D 16 -17.91 10.61 16.58
C SER D 16 -19.38 10.26 16.32
N TRP D 17 -19.67 9.29 15.44
CA TRP D 17 -21.06 8.90 15.15
C TRP D 17 -21.75 8.26 16.37
N ARG D 18 -20.99 7.52 17.18
CA ARG D 18 -21.52 6.90 18.39
C ARG D 18 -22.05 7.96 19.36
N CYS D 19 -21.16 8.88 19.75
CA CYS D 19 -21.50 10.03 20.59
C CYS D 19 -22.51 10.99 19.95
N VAL D 20 -23.38 10.44 19.10
CA VAL D 20 -24.50 11.17 18.50
C VAL D 20 -25.73 10.26 18.63
N GLN D 21 -25.48 8.95 18.50
CA GLN D 21 -26.49 7.93 18.81
C GLN D 21 -26.68 7.81 20.31
N ALA D 22 -25.58 7.72 21.05
CA ALA D 22 -25.60 7.77 22.52
C ALA D 22 -26.26 9.08 22.98
N HIS D 23 -25.60 10.20 22.68
CA HIS D 23 -25.95 11.56 23.13
C HIS D 23 -24.88 12.06 24.10
N ASP D 24 -23.88 11.20 24.28
CA ASP D 24 -22.62 11.45 24.98
C ASP D 24 -21.92 12.71 24.46
N ARG D 25 -22.28 13.89 24.99
CA ARG D 25 -21.72 15.18 24.53
C ARG D 25 -20.24 15.33 24.85
N GLU D 26 -19.82 14.82 26.01
CA GLU D 26 -18.44 15.01 26.47
C GLU D 26 -17.44 14.13 25.73
N GLY D 27 -17.87 12.91 25.43
CA GLY D 27 -17.04 11.94 24.70
C GLY D 27 -16.99 12.25 23.22
N TRP D 28 -17.83 13.18 22.79
CA TRP D 28 -17.80 13.70 21.42
C TRP D 28 -16.83 14.84 21.31
N LEU D 29 -16.81 15.70 22.32
CA LEU D 29 -15.84 16.78 22.40
C LEU D 29 -14.44 16.25 22.69
N ALA D 30 -14.37 15.06 23.28
CA ALA D 30 -13.10 14.39 23.60
C ALA D 30 -12.27 14.01 22.37
N LEU D 31 -12.94 13.94 21.21
CA LEU D 31 -12.33 13.52 19.96
C LEU D 31 -11.67 14.69 19.24
N MET D 32 -12.02 15.90 19.69
CA MET D 32 -11.63 17.10 18.97
C MET D 32 -10.32 17.67 19.49
N ALA D 33 -9.49 18.14 18.57
CA ALA D 33 -8.30 18.90 18.92
C ALA D 33 -8.73 20.33 19.27
N ASP D 34 -7.85 21.07 19.96
CA ASP D 34 -8.10 22.48 20.38
C ASP D 34 -8.37 23.37 19.17
N ASP D 35 -7.69 23.09 18.08
CA ASP D 35 -7.89 23.84 16.84
C ASP D 35 -8.91 23.22 15.87
N VAL D 36 -9.79 22.32 16.37
CA VAL D 36 -10.87 21.68 15.55
C VAL D 36 -11.67 22.68 14.73
N VAL D 37 -11.93 22.34 13.46
CA VAL D 37 -12.75 23.12 12.56
C VAL D 37 -13.86 22.20 11.96
N ILE D 38 -15.13 22.50 12.25
CA ILE D 38 -16.26 21.78 11.69
C ILE D 38 -16.95 22.58 10.57
N GLU D 39 -16.91 22.02 9.37
CA GLU D 39 -17.55 22.63 8.20
C GLU D 39 -18.63 21.69 7.73
N ASP D 40 -19.83 21.85 8.27
CA ASP D 40 -20.92 20.94 8.00
C ASP D 40 -22.20 21.67 7.65
N PRO D 41 -22.43 21.91 6.35
CA PRO D 41 -21.56 21.61 5.22
C PRO D 41 -20.40 22.62 5.07
N ILE D 42 -19.60 22.44 4.00
CA ILE D 42 -18.66 23.41 3.50
C ILE D 42 -19.50 24.51 2.86
N GLY D 43 -19.25 25.75 3.25
CA GLY D 43 -19.96 26.89 2.69
C GLY D 43 -21.09 27.40 3.57
N LYS D 44 -21.56 28.59 3.24
CA LYS D 44 -22.55 29.31 4.03
C LYS D 44 -23.87 28.56 4.10
N SER D 45 -24.34 28.30 5.31
CA SER D 45 -25.67 27.69 5.47
C SER D 45 -26.08 27.84 6.93
N VAL D 46 -27.25 27.33 7.31
CA VAL D 46 -27.78 27.52 8.66
C VAL D 46 -26.82 26.95 9.71
N THR D 47 -26.12 25.87 9.36
CA THR D 47 -25.18 25.20 10.29
C THR D 47 -23.69 25.59 10.09
N ASN D 48 -23.39 26.34 9.03
CA ASN D 48 -22.11 27.05 8.84
C ASN D 48 -22.40 28.52 8.46
N PRO D 49 -22.88 29.38 9.41
CA PRO D 49 -23.39 30.71 8.96
C PRO D 49 -22.44 31.61 8.14
N ASP D 50 -21.18 31.77 8.54
CA ASP D 50 -20.22 32.58 7.75
C ASP D 50 -19.50 31.84 6.60
N GLY D 51 -19.77 30.53 6.50
CA GLY D 51 -19.16 29.70 5.46
C GLY D 51 -17.67 29.40 5.58
N SER D 52 -17.13 29.53 6.78
CA SER D 52 -15.70 29.33 6.99
C SER D 52 -15.54 28.31 8.08
N GLY D 53 -16.67 27.85 8.60
CA GLY D 53 -16.64 26.78 9.58
C GLY D 53 -16.81 27.20 11.02
N ILE D 54 -17.03 26.20 11.87
CA ILE D 54 -17.22 26.34 13.32
C ILE D 54 -15.91 25.94 14.01
N LYS D 55 -15.32 26.85 14.79
CA LYS D 55 -13.91 26.74 15.24
C LYS D 55 -13.66 26.70 16.75
N GLY D 56 -12.64 25.94 17.14
CA GLY D 56 -12.30 25.73 18.55
C GLY D 56 -13.37 24.93 19.27
N LYS D 57 -13.00 24.32 20.38
CA LYS D 57 -13.91 23.44 21.14
C LYS D 57 -15.11 24.17 21.78
N GLU D 58 -14.97 25.48 21.98
CA GLU D 58 -16.07 26.37 22.42
C GLU D 58 -17.29 26.22 21.53
N ALA D 59 -17.17 26.76 20.31
CA ALA D 59 -18.24 26.78 19.31
C ALA D 59 -18.69 25.39 18.91
N VAL D 60 -17.73 24.49 18.70
CA VAL D 60 -18.02 23.09 18.36
C VAL D 60 -18.94 22.38 19.38
N GLY D 61 -18.77 22.66 20.68
CA GLY D 61 -19.68 22.12 21.72
C GLY D 61 -21.06 22.76 21.68
N ALA D 62 -21.09 24.08 21.47
CA ALA D 62 -22.33 24.85 21.25
C ALA D 62 -23.12 24.35 20.04
N PHE D 63 -22.41 24.14 18.93
CA PHE D 63 -22.93 23.50 17.72
C PHE D 63 -23.65 22.19 18.07
N PHE D 64 -22.98 21.34 18.84
CA PHE D 64 -23.56 20.09 19.31
C PHE D 64 -24.93 20.35 19.95
N ASP D 65 -24.95 21.26 20.93
CA ASP D 65 -26.15 21.55 21.71
C ASP D 65 -27.33 21.79 20.74
N THR D 66 -27.18 22.79 19.89
CA THR D 66 -28.20 23.12 18.88
C THR D 66 -28.46 22.03 17.82
N HIS D 67 -27.41 21.57 17.15
CA HIS D 67 -27.55 20.83 15.88
C HIS D 67 -27.27 19.33 15.92
N ILE D 68 -27.04 18.79 17.10
CA ILE D 68 -26.83 17.36 17.27
C ILE D 68 -27.79 16.76 18.30
N ALA D 69 -27.84 17.38 19.50
CA ALA D 69 -28.72 16.93 20.58
C ALA D 69 -30.16 17.36 20.35
N ALA D 70 -30.37 18.68 20.39
CA ALA D 70 -31.71 19.30 20.31
C ALA D 70 -32.60 18.83 19.16
N ASN D 71 -31.98 18.65 17.99
CA ASN D 71 -32.69 18.14 16.79
C ASN D 71 -32.52 16.62 16.53
N ARG D 72 -32.18 15.87 17.58
CA ARG D 72 -32.15 14.40 17.63
C ARG D 72 -31.57 13.67 16.39
N LEU D 73 -30.43 14.18 15.95
CA LEU D 73 -29.75 13.75 14.74
C LEU D 73 -29.22 12.33 14.86
N THR D 74 -29.54 11.52 13.86
CA THR D 74 -28.94 10.19 13.70
C THR D 74 -28.07 10.12 12.44
N VAL D 75 -26.89 9.55 12.59
CA VAL D 75 -25.90 9.42 11.54
C VAL D 75 -25.71 7.95 11.18
N THR D 76 -25.94 7.62 9.92
CA THR D 76 -25.72 6.28 9.39
C THR D 76 -24.59 6.29 8.33
N CYS D 77 -23.54 5.50 8.55
CA CYS D 77 -22.47 5.30 7.58
C CYS D 77 -22.85 4.32 6.48
N GLU D 78 -22.95 4.82 5.26
CA GLU D 78 -23.22 3.92 4.18
C GLU D 78 -21.95 3.27 3.71
N GLU D 79 -20.86 4.06 3.65
CA GLU D 79 -19.68 3.60 2.90
C GLU D 79 -18.48 4.43 3.31
N THR D 80 -17.33 3.77 3.30
CA THR D 80 -16.10 4.29 3.85
C THR D 80 -14.99 4.23 2.79
N PHE D 81 -14.20 5.30 2.70
CA PHE D 81 -13.13 5.41 1.71
C PHE D 81 -11.90 5.85 2.45
N PRO D 82 -11.06 4.88 2.84
CA PRO D 82 -9.78 5.27 3.42
C PRO D 82 -8.92 5.90 2.32
N SER D 83 -7.86 6.60 2.73
CA SER D 83 -6.90 7.16 1.80
C SER D 83 -5.62 6.32 1.97
N SER D 84 -4.48 6.81 1.48
CA SER D 84 -3.17 6.22 1.77
C SER D 84 -2.47 6.91 2.95
N SER D 85 -3.27 7.66 3.72
CA SER D 85 -2.85 8.25 5.02
C SER D 85 -3.72 7.71 6.14
N PRO D 86 -3.12 7.31 7.28
CA PRO D 86 -4.04 6.79 8.31
C PRO D 86 -4.76 7.92 9.05
N ASP D 87 -4.45 9.16 8.69
CA ASP D 87 -4.91 10.35 9.40
C ASP D 87 -6.04 11.09 8.65
N GLU D 88 -6.35 10.67 7.41
CA GLU D 88 -7.48 11.23 6.66
C GLU D 88 -8.34 10.13 6.03
N ILE D 89 -9.66 10.31 6.06
CA ILE D 89 -10.59 9.32 5.63
C ILE D 89 -11.79 10.07 5.16
N ALA D 90 -12.51 9.48 4.20
CA ALA D 90 -13.83 9.96 3.79
C ALA D 90 -14.91 8.88 3.98
N HIS D 91 -16.14 9.34 4.18
CA HIS D 91 -17.33 8.49 4.31
C HIS D 91 -18.52 9.09 3.58
N ILE D 92 -19.41 8.23 3.10
CA ILE D 92 -20.76 8.68 2.71
C ILE D 92 -21.66 8.47 3.94
N LEU D 93 -22.29 9.55 4.37
CA LEU D 93 -23.17 9.47 5.51
C LEU D 93 -24.59 9.89 5.11
N VAL D 94 -25.57 9.27 5.79
CA VAL D 94 -26.96 9.67 5.73
C VAL D 94 -27.30 10.26 7.08
N LEU D 95 -27.83 11.46 7.04
CA LEU D 95 -28.12 12.24 8.24
C LEU D 95 -29.64 12.42 8.35
N HIS D 96 -30.23 12.02 9.46
CA HIS D 96 -31.66 12.19 9.72
C HIS D 96 -31.82 13.14 10.90
N SER D 97 -32.69 14.14 10.76
CA SER D 97 -33.01 15.05 11.86
C SER D 97 -34.51 15.07 12.17
N GLU D 98 -34.84 15.14 13.46
CA GLU D 98 -36.23 15.24 13.95
C GLU D 98 -36.36 16.42 14.94
N PHE D 99 -37.29 17.33 14.67
CA PHE D 99 -37.45 18.55 15.48
C PHE D 99 -38.69 18.52 16.39
N ASP D 100 -38.87 19.61 17.15
CA ASP D 100 -40.14 19.88 17.84
C ASP D 100 -41.21 20.15 16.79
N GLY D 101 -42.37 19.51 16.98
CA GLY D 101 -43.48 19.58 16.03
C GLY D 101 -43.54 18.42 15.05
N GLY D 102 -42.65 17.44 15.24
CA GLY D 102 -42.60 16.23 14.40
C GLY D 102 -42.18 16.42 12.95
N PHE D 103 -41.29 17.39 12.71
CA PHE D 103 -40.71 17.63 11.37
C PHE D 103 -39.40 16.85 11.18
N THR D 104 -39.23 16.26 10.00
CA THR D 104 -38.06 15.42 9.69
C THR D 104 -37.16 16.05 8.60
N SER D 105 -35.84 16.01 8.80
CA SER D 105 -34.90 16.34 7.72
C SER D 105 -33.97 15.16 7.38
N GLU D 106 -33.64 15.01 6.11
CA GLU D 106 -32.76 13.95 5.62
C GLU D 106 -31.72 14.47 4.59
N VAL D 107 -30.44 14.15 4.78
CA VAL D 107 -29.43 14.40 3.74
C VAL D 107 -28.36 13.33 3.69
N ARG D 108 -27.87 13.07 2.49
CA ARG D 108 -26.81 12.10 2.25
C ARG D 108 -25.62 12.84 1.64
N GLY D 109 -24.47 12.84 2.31
CA GLY D 109 -23.27 13.55 1.79
C GLY D 109 -21.94 12.85 1.92
N VAL D 110 -20.90 13.41 1.28
CA VAL D 110 -19.50 13.08 1.57
C VAL D 110 -19.00 13.83 2.81
N PHE D 111 -18.33 13.09 3.68
CA PHE D 111 -17.80 13.64 4.89
C PHE D 111 -16.37 13.22 4.95
N THR D 112 -15.48 14.21 4.95
CA THR D 112 -14.03 14.01 5.14
C THR D 112 -13.61 14.34 6.57
N TYR D 113 -12.70 13.54 7.13
CA TYR D 113 -12.22 13.71 8.48
C TYR D 113 -10.69 13.73 8.45
N ARG D 114 -10.09 14.62 9.24
CA ARG D 114 -8.65 14.62 9.44
C ARG D 114 -8.35 14.62 10.95
N VAL D 115 -7.36 13.82 11.35
CA VAL D 115 -6.88 13.77 12.73
C VAL D 115 -5.42 14.17 12.73
N ASN D 116 -4.94 14.67 13.87
CA ASN D 116 -3.53 14.99 14.00
C ASN D 116 -2.73 13.82 14.58
N LYS D 117 -1.42 14.01 14.71
CA LYS D 117 -0.51 13.01 15.32
C LYS D 117 -1.06 12.29 16.58
N ALA D 118 -1.82 13.01 17.40
CA ALA D 118 -2.40 12.47 18.63
C ALA D 118 -3.68 11.68 18.38
N GLY D 119 -4.23 11.79 17.17
CA GLY D 119 -5.44 11.07 16.80
C GLY D 119 -6.69 11.89 17.04
N LEU D 120 -6.52 13.20 17.19
CA LEU D 120 -7.64 14.09 17.45
C LEU D 120 -8.14 14.81 16.19
N ILE D 121 -9.45 14.97 16.11
CA ILE D 121 -10.11 15.58 14.95
C ILE D 121 -9.81 17.06 14.77
N THR D 122 -9.20 17.41 13.64
CA THR D 122 -8.90 18.79 13.34
C THR D 122 -9.84 19.31 12.27
N ASN D 123 -10.50 18.40 11.55
CA ASN D 123 -11.36 18.79 10.43
C ASN D 123 -12.47 17.80 10.19
N MET D 124 -13.69 18.29 10.11
CA MET D 124 -14.78 17.48 9.62
C MET D 124 -15.54 18.36 8.63
N ARG D 125 -15.54 17.95 7.37
CA ARG D 125 -16.07 18.75 6.27
C ARG D 125 -17.12 17.95 5.55
N GLY D 126 -18.29 18.57 5.38
CA GLY D 126 -19.38 17.94 4.69
C GLY D 126 -19.69 18.55 3.36
N TYR D 127 -19.75 17.68 2.36
CA TYR D 127 -20.20 18.01 1.03
C TYR D 127 -21.69 17.66 0.81
N TRP D 128 -22.54 18.63 1.16
CA TRP D 128 -23.97 18.62 0.80
C TRP D 128 -24.53 20.05 0.88
N ASN D 129 -25.67 20.28 0.25
CA ASN D 129 -26.34 21.57 0.26
C ASN D 129 -27.87 21.38 0.43
N LEU D 130 -28.59 22.49 0.55
CA LEU D 130 -30.01 22.48 0.76
C LEU D 130 -30.76 21.71 -0.35
N ASP D 131 -30.30 21.81 -1.60
CA ASP D 131 -30.91 21.14 -2.75
C ASP D 131 -30.94 19.60 -2.60
N MET D 132 -30.13 19.09 -1.67
CA MET D 132 -29.90 17.65 -1.51
C MET D 132 -30.69 17.06 -0.36
N MET D 133 -31.17 17.93 0.54
CA MET D 133 -32.00 17.55 1.67
C MET D 133 -33.43 17.16 1.28
N THR D 134 -34.03 16.35 2.15
CA THR D 134 -35.47 16.09 2.15
C THR D 134 -36.05 16.39 3.53
N PHE D 135 -37.22 17.06 3.52
CA PHE D 135 -37.94 17.50 4.71
C PHE D 135 -39.34 16.87 4.74
OAB HE7 E . 20.79 -17.51 12.95
CAR HE7 E . 21.62 -18.07 12.22
OAC HE7 E . 21.59 -19.30 12.04
CAI HE7 E . 22.70 -17.24 11.54
CAK HE7 E . 24.12 -17.77 11.74
CAV HE7 E . 24.23 -18.64 13.01
OAE HE7 E . 23.96 -17.82 14.19
OAQ HE7 E . 25.48 -19.32 12.98
CAW HE7 E . 25.87 -20.05 14.17
CBA HE7 E . 27.09 -20.89 13.88
CAA HE7 E . 26.82 -21.74 12.61
CAM HE7 E . 24.87 -21.03 14.82
CAO HE7 E . 25.72 -22.17 15.40
CAZ HE7 E . 27.17 -21.69 15.18
CAY HE7 E . 28.35 -22.67 15.20
CAX HE7 E . 29.67 -21.95 14.90
CAN HE7 E . 29.57 -21.07 13.65
CAP HE7 E . 28.40 -20.11 13.77
CAL HE7 E . 28.53 -23.41 16.52
CAJ HE7 E . 29.60 -24.51 16.41
CAT HE7 E . 30.79 -24.13 15.54
CAU HE7 E . 30.80 -22.93 14.83
CAH HE7 E . 31.87 -25.02 15.47
CAS HE7 E . 32.97 -24.68 14.65
OAD HE7 E . 34.05 -25.49 14.52
CAF HE7 E . 32.99 -23.48 13.95
CAG HE7 E . 31.91 -22.61 14.04
C ACT F . 11.76 -11.88 -14.46
O ACT F . 12.79 -12.53 -14.09
OXT ACT F . 11.20 -11.18 -13.59
CH3 ACT F . 11.22 -11.95 -15.86
OAB HE7 G . 2.30 5.02 -14.48
CAR HE7 G . 2.29 3.88 -13.91
OAC HE7 G . 2.33 3.77 -12.67
CAI HE7 G . 2.24 2.59 -14.73
CAK HE7 G . 1.53 1.39 -14.04
CAV HE7 G . 1.47 0.27 -15.10
OAE HE7 G . 0.56 -0.80 -14.81
OAQ HE7 G . 2.79 -0.22 -15.20
CAW HE7 G . 2.94 -1.40 -16.00
CBA HE7 G . 4.30 -1.98 -15.70
CAA HE7 G . 5.30 -0.83 -15.76
CAM HE7 G . 2.99 -1.14 -17.51
CAO HE7 G . 4.09 -2.05 -18.08
CAZ HE7 G . 4.44 -2.93 -16.89
CAY HE7 G . 5.76 -3.71 -16.85
CAX HE7 G . 5.78 -4.57 -15.56
CAN HE7 G . 5.69 -3.62 -14.35
CAP HE7 G . 4.42 -2.76 -14.39
CAL HE7 G . 6.05 -4.58 -18.07
CAJ HE7 G . 7.52 -5.00 -17.97
CAT HE7 G . 7.82 -5.60 -16.60
CAU HE7 G . 7.00 -5.40 -15.45
CAH HE7 G . 8.98 -6.38 -16.49
CAS HE7 G . 9.33 -6.97 -15.28
OAD HE7 G . 10.49 -7.70 -15.24
CAF HE7 G . 8.51 -6.79 -14.16
CAG HE7 G . 7.35 -6.00 -14.24
C ACT H . -1.84 1.25 -24.26
O ACT H . -2.30 2.04 -23.39
OXT ACT H . -2.60 0.35 -24.71
CH3 ACT H . -0.42 1.38 -24.73
OAB HE7 I . -7.75 14.31 -12.62
CAR HE7 I . -8.94 14.07 -12.34
OAC HE7 I . -9.80 14.98 -12.28
CAI HE7 I . -9.38 12.62 -12.08
CAK HE7 I . -8.28 11.75 -11.47
CAV HE7 I . -7.32 11.17 -12.53
OAE HE7 I . -7.98 10.63 -13.66
OAQ HE7 I . -6.48 10.18 -11.92
CAW HE7 I . -5.75 9.20 -12.70
CBA HE7 I . -4.78 8.40 -11.80
CAA HE7 I . -3.89 9.37 -11.05
CAM HE7 I . -4.83 9.70 -13.84
CAO HE7 I . -3.70 8.64 -13.99
CAZ HE7 I . -4.00 7.64 -12.86
CAY HE7 I . -2.89 6.79 -12.26
CAX HE7 I . -3.53 5.73 -11.33
CAN HE7 I . -4.37 6.40 -10.23
CAP HE7 I . -5.41 7.36 -10.86
CAL HE7 I . -2.11 6.13 -13.38
CAJ HE7 I . -0.89 5.41 -12.81
CAT HE7 I . -1.24 4.66 -11.52
CAU HE7 I . -2.47 4.80 -10.83
CAH HE7 I . -0.24 3.83 -11.05
CAS HE7 I . -0.44 3.11 -9.87
OAD HE7 I . 0.54 2.27 -9.43
CAF HE7 I . -1.66 3.24 -9.16
CAG HE7 I . -2.67 4.10 -9.64
N1 NCA J . -22.41 14.67 10.57
C2 NCA J . -21.45 13.93 11.14
C3 NCA J . -21.19 14.05 12.51
C4 NCA J . -21.94 14.95 13.28
C5 NCA J . -22.94 15.71 12.65
C6 NCA J . -23.16 15.55 11.28
C7 NCA J . -20.10 13.25 13.14
O7 NCA J . -19.97 13.21 14.35
N7 NCA J . -19.25 12.58 12.36
#